data_4UUS
#
_entry.id   4UUS
#
_cell.length_a   42.670
_cell.length_b   95.920
_cell.length_c   69.820
_cell.angle_alpha   90.00
_cell.angle_beta   99.34
_cell.angle_gamma   90.00
#
_symmetry.space_group_name_H-M   'P 1 21 1'
#
loop_
_entity.id
_entity.type
_entity.pdbx_description
1 polymer 'HOMEOTIC PROTEIN ULTRABITHORAX'
2 polymer 'HOMEOTIC PROTEIN EXTRADENTICLE'
3 polymer "5'-D(*GP*TP*CP*GP*CP*CP*AP*TP*AP*AP*AP*TP*CP*AP*C)-3'"
4 polymer "5'-D(*AP*CP*GP*TP*GP*AP*TP*TP*TP*AP*TP*GP*GP*CP*G)-3'"
5 water water
#
loop_
_entity_poly.entity_id
_entity_poly.type
_entity_poly.pdbx_seq_one_letter_code
_entity_poly.pdbx_strand_id
1 'polypeptide(L)' GNGLRRRGRQTYTRYQTLELEKEFHTNHYLTRRRRIEMAHALSLTERQIKIWFQNRRMKLKKEIQAIKELNEQEKQA A,E
2 'polypeptide(L)' GARRKRRNFSKQASEILNEYFYSHLSNPYPSEEAKEELARKCGITVSQVSNWFGNKRIRYKKNIGKAQEEANLYAA B,F
3 'polydeoxyribonucleotide' (DG)(DT)(DC)(DG)(DC)(DC)(DA)(DT)(DA)(DA)(DA)(DT)(DC)(DA)(DC) C,G
4 'polydeoxyribonucleotide' (DA)(DC)(DG)(DT)(DG)(DA)(DT)(DT)(DT)(DA)(DT)(DG)(DG)(DC)(DG) D,H
#
loop_
_chem_comp.id
_chem_comp.type
_chem_comp.name
_chem_comp.formula
DA DNA linking 2'-DEOXYADENOSINE-5'-MONOPHOSPHATE 'C10 H14 N5 O6 P'
DC DNA linking 2'-DEOXYCYTIDINE-5'-MONOPHOSPHATE 'C9 H14 N3 O7 P'
DG DNA linking 2'-DEOXYGUANOSINE-5'-MONOPHOSPHATE 'C10 H14 N5 O7 P'
DT DNA linking THYMIDINE-5'-MONOPHOSPHATE 'C10 H15 N2 O8 P'
#
# COMPACT_ATOMS: atom_id res chain seq x y z
N GLY A 8 28.14 15.18 4.87
CA GLY A 8 27.11 14.54 4.05
C GLY A 8 26.27 13.56 4.83
N ARG A 9 25.07 13.18 4.27
CA ARG A 9 24.14 12.25 4.89
C ARG A 9 24.59 10.79 4.97
N GLN A 10 24.50 10.22 6.19
CA GLN A 10 24.81 8.82 6.46
C GLN A 10 23.49 8.02 6.38
N THR A 11 23.47 6.95 5.59
CA THR A 11 22.30 6.06 5.47
C THR A 11 22.40 5.11 6.64
N TYR A 12 21.26 4.82 7.27
CA TYR A 12 21.20 3.96 8.44
C TYR A 12 21.22 2.50 8.04
N THR A 13 21.79 1.68 8.93
CA THR A 13 21.88 0.24 8.78
C THR A 13 20.46 -0.39 8.79
N ARG A 14 20.34 -1.62 8.25
CA ARG A 14 19.09 -2.39 8.23
C ARG A 14 18.59 -2.58 9.69
N TYR A 15 19.54 -2.86 10.63
CA TYR A 15 19.32 -3.05 12.07
C TYR A 15 18.83 -1.78 12.79
N GLN A 16 19.47 -0.60 12.55
CA GLN A 16 19.05 0.67 13.14
C GLN A 16 17.60 0.99 12.74
N THR A 17 17.30 0.98 11.41
CA THR A 17 15.97 1.26 10.82
C THR A 17 14.86 0.40 11.44
N LEU A 18 15.10 -0.91 11.52
CA LEU A 18 14.23 -1.95 12.07
C LEU A 18 13.89 -1.64 13.53
N GLU A 19 14.93 -1.35 14.34
CA GLU A 19 14.80 -1.05 15.76
C GLU A 19 14.00 0.25 16.03
N LEU A 20 14.23 1.29 15.21
CA LEU A 20 13.57 2.58 15.29
C LEU A 20 12.10 2.42 14.91
N GLU A 21 11.85 1.62 13.85
CA GLU A 21 10.52 1.31 13.33
C GLU A 21 9.66 0.55 14.39
N LYS A 22 10.29 -0.37 15.12
CA LYS A 22 9.71 -1.19 16.21
C LYS A 22 9.29 -0.29 17.41
N GLU A 23 10.12 0.73 17.75
CA GLU A 23 9.84 1.67 18.82
C GLU A 23 8.79 2.67 18.38
N PHE A 24 8.79 3.06 17.10
CA PHE A 24 7.78 3.99 16.59
C PHE A 24 6.37 3.40 16.69
N HIS A 25 6.20 2.09 16.43
CA HIS A 25 4.92 1.41 16.48
C HIS A 25 4.36 1.42 17.88
N THR A 26 5.24 1.16 18.88
CA THR A 26 4.95 1.18 20.32
C THR A 26 4.57 2.62 20.74
N ASN A 27 5.37 3.63 20.27
CA ASN A 27 5.29 5.07 20.59
C ASN A 27 5.69 5.93 19.43
N HIS A 28 4.80 6.86 19.04
CA HIS A 28 5.07 7.81 17.95
C HIS A 28 5.94 8.96 18.46
N TYR A 29 5.89 9.21 19.76
CA TYR A 29 6.67 10.24 20.45
C TYR A 29 7.55 9.60 21.49
N LEU A 30 8.75 10.13 21.63
CA LEU A 30 9.72 9.65 22.61
C LEU A 30 9.89 10.60 23.74
N THR A 31 10.26 10.06 24.90
CA THR A 31 10.55 10.86 26.06
C THR A 31 12.04 11.15 25.97
N ARG A 32 12.53 12.10 26.77
CA ARG A 32 13.94 12.46 26.86
C ARG A 32 14.75 11.19 27.25
N ARG A 33 14.24 10.41 28.23
CA ARG A 33 14.82 9.16 28.73
C ARG A 33 14.95 8.06 27.66
N ARG A 34 13.85 7.78 26.91
CA ARG A 34 13.80 6.74 25.88
C ARG A 34 14.71 7.04 24.70
N ARG A 35 14.85 8.34 24.37
CA ARG A 35 15.71 8.89 23.34
C ARG A 35 17.18 8.63 23.73
N ILE A 36 17.54 8.81 25.03
CA ILE A 36 18.88 8.57 25.57
C ILE A 36 19.23 7.08 25.38
N GLU A 37 18.32 6.15 25.77
CA GLU A 37 18.44 4.67 25.70
C GLU A 37 18.78 4.18 24.30
N MET A 38 17.99 4.63 23.30
CA MET A 38 18.15 4.27 21.90
C MET A 38 19.39 4.84 21.25
N ALA A 39 19.75 6.08 21.63
CA ALA A 39 20.95 6.74 21.15
C ALA A 39 22.20 5.89 21.50
N HIS A 40 22.27 5.34 22.75
CA HIS A 40 23.36 4.53 23.26
C HIS A 40 23.37 3.12 22.66
N ALA A 41 22.16 2.53 22.45
CA ALA A 41 21.99 1.18 21.91
C ALA A 41 22.29 1.08 20.41
N LEU A 42 21.86 2.08 19.62
CA LEU A 42 22.01 2.10 18.16
C LEU A 42 23.24 2.83 17.64
N SER A 43 23.97 3.55 18.52
CA SER A 43 25.15 4.35 18.17
C SER A 43 24.78 5.46 17.17
N LEU A 44 23.73 6.23 17.52
CA LEU A 44 23.22 7.40 16.82
C LEU A 44 23.13 8.47 17.90
N THR A 45 23.37 9.74 17.57
CA THR A 45 23.26 10.83 18.55
C THR A 45 21.76 11.03 18.94
N GLU A 46 21.49 11.73 20.06
CA GLU A 46 20.11 12.06 20.48
C GLU A 46 19.45 12.94 19.42
N ARG A 47 20.26 13.75 18.70
CA ARG A 47 19.82 14.63 17.61
C ARG A 47 19.27 13.79 16.46
N GLN A 48 20.00 12.72 16.03
CA GLN A 48 19.63 11.80 14.96
C GLN A 48 18.31 11.08 15.28
N ILE A 49 18.19 10.55 16.51
CA ILE A 49 16.97 9.88 17.03
C ILE A 49 15.78 10.85 17.02
N LYS A 50 16.01 12.10 17.43
CA LYS A 50 15.02 13.17 17.46
C LYS A 50 14.50 13.44 16.06
N ILE A 51 15.43 13.70 15.10
CA ILE A 51 15.11 13.97 13.70
C ILE A 51 14.44 12.75 13.04
N TRP A 52 14.95 11.52 13.30
CA TRP A 52 14.32 10.31 12.75
C TRP A 52 12.84 10.21 13.11
N PHE A 53 12.48 10.43 14.37
CA PHE A 53 11.08 10.37 14.84
C PHE A 53 10.20 11.46 14.22
N GLN A 54 10.77 12.66 14.08
CA GLN A 54 10.12 13.82 13.44
C GLN A 54 9.81 13.48 11.97
N ASN A 55 10.82 13.01 11.21
CA ASN A 55 10.63 12.62 9.80
C ASN A 55 9.62 11.47 9.66
N ARG A 56 9.66 10.49 10.59
CA ARG A 56 8.76 9.33 10.66
C ARG A 56 7.31 9.73 10.88
N ARG A 57 7.10 10.76 11.72
CA ARG A 57 5.76 11.31 11.97
C ARG A 57 5.22 11.95 10.69
N MET A 58 6.11 12.63 9.92
CA MET A 58 5.75 13.28 8.65
C MET A 58 5.39 12.27 7.62
N LYS A 59 6.12 11.11 7.63
CA LYS A 59 5.90 9.97 6.77
C LYS A 59 4.51 9.39 7.06
N LEU A 60 4.13 9.25 8.35
CA LEU A 60 2.82 8.75 8.75
C LEU A 60 1.66 9.63 8.25
N LYS A 61 1.73 10.95 8.43
CA LYS A 61 0.76 11.94 7.94
C LYS A 61 0.55 11.79 6.44
N LYS A 62 1.66 11.62 5.67
CA LYS A 62 1.72 11.44 4.19
C LYS A 62 0.98 10.19 3.71
N GLU A 63 1.32 9.03 4.29
CA GLU A 63 0.76 7.71 4.02
C GLU A 63 -0.73 7.60 4.25
N ILE A 64 -1.22 8.23 5.33
CA ILE A 64 -2.65 8.25 5.68
C ILE A 64 -3.41 9.11 4.64
N GLN A 65 -2.79 10.22 4.18
CA GLN A 65 -3.33 11.15 3.18
C GLN A 65 -3.50 10.47 1.81
N ALA A 66 -2.48 9.70 1.38
CA ALA A 66 -2.46 8.91 0.15
C ALA A 66 -3.64 7.93 0.14
N ILE A 67 -3.87 7.22 1.27
CA ILE A 67 -4.94 6.24 1.43
C ILE A 67 -6.31 6.96 1.44
N LYS A 68 -6.38 8.19 2.06
CA LYS A 68 -7.57 9.03 2.13
C LYS A 68 -7.97 9.50 0.74
N GLU A 69 -6.96 9.82 -0.12
CA GLU A 69 -7.14 10.25 -1.52
C GLU A 69 -7.83 9.17 -2.35
N LEU A 70 -7.36 7.93 -2.19
CA LEU A 70 -7.83 6.72 -2.87
C LEU A 70 -9.23 6.31 -2.39
N ASN A 71 -9.53 6.52 -1.10
CA ASN A 71 -10.80 6.21 -0.47
C ASN A 71 -11.94 7.19 -0.91
N GLU A 72 -11.57 8.38 -1.40
CA GLU A 72 -12.47 9.40 -1.91
C GLU A 72 -12.69 9.26 -3.40
N GLN A 73 -11.70 8.67 -4.11
CA GLN A 73 -11.68 8.44 -5.56
C GLN A 73 -12.75 7.40 -5.99
N GLU A 74 -13.13 6.51 -5.04
CA GLU A 74 -14.12 5.44 -5.18
C GLU A 74 -15.54 6.01 -5.05
N ASN B 8 7.10 7.02 -14.75
CA ASN B 8 7.15 8.17 -15.68
C ASN B 8 5.80 8.83 -16.03
N PHE B 9 5.75 10.17 -15.95
CA PHE B 9 4.54 10.95 -16.24
C PHE B 9 4.25 11.08 -17.75
N SER B 10 3.01 11.52 -18.11
CA SER B 10 2.61 11.78 -19.50
C SER B 10 3.40 12.94 -20.08
N LYS B 11 3.57 12.93 -21.40
CA LYS B 11 4.30 13.96 -22.15
C LYS B 11 3.66 15.34 -21.91
N GLN B 12 2.35 15.38 -21.67
CA GLN B 12 1.60 16.61 -21.43
C GLN B 12 1.72 17.11 -19.98
N ALA B 13 1.84 16.20 -19.02
CA ALA B 13 2.02 16.55 -17.63
C ALA B 13 3.43 17.15 -17.43
N SER B 14 4.48 16.51 -18.02
CA SER B 14 5.87 17.00 -17.99
C SER B 14 5.99 18.39 -18.67
N GLU B 15 5.19 18.61 -19.77
CA GLU B 15 5.06 19.83 -20.58
C GLU B 15 4.57 21.02 -19.75
N ILE B 16 3.46 20.79 -19.03
CA ILE B 16 2.83 21.74 -18.13
C ILE B 16 3.85 22.13 -17.04
N LEU B 17 4.47 21.13 -16.37
CA LEU B 17 5.46 21.32 -15.28
C LEU B 17 6.69 22.14 -15.68
N ASN B 18 7.24 21.86 -16.89
CA ASN B 18 8.42 22.56 -17.42
C ASN B 18 8.13 23.97 -17.86
N GLU B 19 6.94 24.19 -18.45
CA GLU B 19 6.46 25.52 -18.84
C GLU B 19 6.30 26.39 -17.59
N TYR B 20 5.78 25.80 -16.50
CA TYR B 20 5.61 26.54 -15.23
C TYR B 20 6.99 26.86 -14.62
N PHE B 21 7.89 25.84 -14.50
CA PHE B 21 9.24 26.01 -13.98
C PHE B 21 10.04 27.11 -14.74
N TYR B 22 10.17 26.98 -16.08
CA TYR B 22 10.93 27.94 -16.89
C TYR B 22 10.39 29.36 -16.99
N SER B 23 9.12 29.57 -16.63
CA SER B 23 8.51 30.91 -16.63
C SER B 23 8.46 31.50 -15.20
N HIS B 24 8.93 30.75 -14.20
CA HIS B 24 9.01 31.16 -12.79
C HIS B 24 10.41 30.90 -12.21
N LEU B 25 11.43 31.00 -13.05
CA LEU B 25 12.85 30.75 -12.73
C LEU B 25 13.46 31.60 -11.62
N SER B 26 12.94 32.82 -11.45
CA SER B 26 13.39 33.74 -10.40
C SER B 26 12.89 33.30 -9.01
N ASN B 27 11.76 32.57 -8.95
CA ASN B 27 11.15 32.06 -7.72
C ASN B 27 10.46 30.72 -8.05
N PRO B 28 11.26 29.62 -8.25
CA PRO B 28 10.63 28.33 -8.62
C PRO B 28 10.11 27.56 -7.42
N TYR B 29 9.32 28.25 -6.56
CA TYR B 29 8.68 27.71 -5.36
C TYR B 29 7.15 27.93 -5.45
N PRO B 30 6.39 27.11 -6.22
CA PRO B 30 4.92 27.31 -6.28
C PRO B 30 4.29 27.17 -4.91
N SER B 31 3.34 28.05 -4.60
CA SER B 31 2.60 28.05 -3.33
C SER B 31 1.73 26.78 -3.28
N GLU B 32 1.15 26.48 -2.10
CA GLU B 32 0.29 25.31 -1.94
C GLU B 32 -0.87 25.35 -2.95
N GLU B 33 -1.51 26.51 -3.11
CA GLU B 33 -2.57 26.72 -4.09
C GLU B 33 -2.10 26.49 -5.54
N ALA B 34 -0.87 26.95 -5.88
CA ALA B 34 -0.28 26.75 -7.21
C ALA B 34 0.04 25.28 -7.48
N LYS B 35 0.46 24.50 -6.42
CA LYS B 35 0.75 23.05 -6.47
C LYS B 35 -0.57 22.29 -6.68
N GLU B 36 -1.67 22.71 -5.98
CA GLU B 36 -3.00 22.13 -6.07
C GLU B 36 -3.57 22.27 -7.47
N GLU B 37 -3.41 23.47 -8.08
CA GLU B 37 -3.82 23.81 -9.44
C GLU B 37 -2.96 23.06 -10.51
N LEU B 38 -1.65 22.91 -10.28
CA LEU B 38 -0.75 22.18 -11.18
C LEU B 38 -1.10 20.69 -11.23
N ALA B 39 -1.42 20.08 -10.06
CA ALA B 39 -1.79 18.66 -9.88
C ALA B 39 -3.06 18.29 -10.66
N ARG B 40 -4.12 19.12 -10.54
CA ARG B 40 -5.40 18.98 -11.22
C ARG B 40 -5.18 19.05 -12.72
N LYS B 41 -4.32 19.99 -13.19
CA LYS B 41 -3.98 20.21 -14.61
C LYS B 41 -3.23 19.03 -15.22
N CYS B 42 -2.25 18.46 -14.47
CA CYS B 42 -1.41 17.31 -14.85
C CYS B 42 -2.06 15.96 -14.61
N GLY B 43 -3.08 15.91 -13.74
CA GLY B 43 -3.75 14.67 -13.35
C GLY B 43 -2.87 13.85 -12.42
N ILE B 44 -2.04 14.53 -11.59
CA ILE B 44 -1.13 13.90 -10.61
C ILE B 44 -1.40 14.45 -9.19
N THR B 45 -0.68 13.96 -8.18
CA THR B 45 -0.87 14.40 -6.79
C THR B 45 0.01 15.63 -6.44
N VAL B 46 -0.35 16.35 -5.35
CA VAL B 46 0.39 17.51 -4.85
C VAL B 46 1.80 17.04 -4.48
N SER B 47 1.93 15.87 -3.80
CA SER B 47 3.24 15.32 -3.41
C SER B 47 4.07 14.95 -4.62
N GLN B 48 3.42 14.50 -5.72
CA GLN B 48 4.12 14.26 -6.98
C GLN B 48 4.65 15.59 -7.58
N VAL B 49 3.87 16.71 -7.49
CA VAL B 49 4.26 18.05 -7.98
C VAL B 49 5.41 18.57 -7.13
N SER B 50 5.31 18.38 -5.80
CA SER B 50 6.30 18.74 -4.76
C SER B 50 7.68 18.10 -5.02
N ASN B 51 7.69 16.80 -5.37
CA ASN B 51 8.87 15.97 -5.62
C ASN B 51 9.52 16.41 -6.90
N TRP B 52 8.70 16.74 -7.92
CA TRP B 52 9.15 17.17 -9.24
C TRP B 52 9.89 18.47 -9.15
N PHE B 53 9.34 19.47 -8.40
CA PHE B 53 9.97 20.77 -8.21
C PHE B 53 11.26 20.66 -7.43
N GLY B 54 11.23 19.83 -6.39
CA GLY B 54 12.40 19.57 -5.56
C GLY B 54 13.54 18.99 -6.35
N ASN B 55 13.24 17.96 -7.15
CA ASN B 55 14.22 17.26 -8.00
C ASN B 55 14.71 18.21 -9.11
N LYS B 56 13.78 19.01 -9.69
CA LYS B 56 14.03 19.99 -10.77
C LYS B 56 14.94 21.13 -10.33
N ARG B 57 14.68 21.70 -9.18
CA ARG B 57 15.52 22.79 -8.67
C ARG B 57 17.00 22.41 -8.51
N ILE B 58 17.31 21.17 -8.04
CA ILE B 58 18.69 20.71 -7.81
C ILE B 58 19.35 20.18 -9.06
N ARG B 59 18.59 19.53 -9.94
CA ARG B 59 19.12 18.88 -11.14
C ARG B 59 19.30 19.79 -12.35
N TYR B 60 18.38 20.73 -12.55
CA TYR B 60 18.44 21.62 -13.71
C TYR B 60 19.73 22.41 -13.81
N LYS B 61 20.29 22.79 -12.66
CA LYS B 61 21.53 23.55 -12.60
C LYS B 61 22.82 22.71 -12.72
N LYS B 62 22.69 21.36 -12.80
CA LYS B 62 23.88 20.50 -12.95
C LYS B 62 24.41 20.51 -14.41
N ASN B 63 23.52 20.80 -15.39
CA ASN B 63 23.90 20.89 -16.79
C ASN B 63 23.25 22.16 -17.34
N ILE B 64 24.02 23.24 -17.35
CA ILE B 64 23.58 24.57 -17.78
C ILE B 64 23.13 24.60 -19.24
N GLY B 65 23.94 24.07 -20.15
CA GLY B 65 23.63 23.97 -21.58
C GLY B 65 22.29 23.32 -21.87
N LYS B 66 21.94 22.25 -21.11
CA LYS B 66 20.68 21.50 -21.20
C LYS B 66 19.53 22.35 -20.65
N ALA B 67 19.72 23.02 -19.50
CA ALA B 67 18.76 23.95 -18.90
C ALA B 67 18.37 25.07 -19.90
N GLN B 68 19.38 25.62 -20.61
CA GLN B 68 19.21 26.67 -21.61
C GLN B 68 18.39 26.19 -22.78
N GLU B 69 18.59 24.92 -23.22
CA GLU B 69 17.86 24.30 -24.33
C GLU B 69 16.43 24.04 -23.97
N GLU B 70 16.19 23.60 -22.74
CA GLU B 70 14.82 23.43 -22.24
C GLU B 70 14.10 24.81 -22.11
N ALA B 71 14.80 25.87 -21.65
CA ALA B 71 14.22 27.21 -21.54
C ALA B 71 13.72 27.69 -22.92
N ASN B 72 14.50 27.43 -23.97
CA ASN B 72 14.17 27.74 -25.36
C ASN B 72 12.91 26.99 -25.79
N LEU B 73 12.88 25.66 -25.55
CA LEU B 73 11.85 24.69 -25.91
C LEU B 73 10.55 24.86 -25.14
N TYR B 74 10.64 25.03 -23.82
CA TYR B 74 9.49 25.18 -22.94
C TYR B 74 9.00 26.61 -22.81
N ALA B 75 9.65 27.56 -23.52
CA ALA B 75 9.27 28.99 -23.60
C ALA B 75 7.79 29.10 -24.05
N ALA B 76 6.97 29.84 -23.25
CA ALA B 76 5.55 30.01 -23.52
C ALA B 76 5.09 31.40 -23.09
N GLY E 8 -22.33 -4.73 -6.45
CA GLY E 8 -21.59 -5.37 -5.36
C GLY E 8 -21.48 -6.87 -5.52
N ARG E 9 -22.31 -7.62 -4.76
CA ARG E 9 -22.40 -9.08 -4.84
C ARG E 9 -23.73 -9.66 -4.32
N GLN E 10 -24.33 -10.57 -5.13
CA GLN E 10 -25.55 -11.27 -4.77
C GLN E 10 -25.16 -12.61 -4.13
N THR E 11 -25.70 -12.92 -2.94
CA THR E 11 -25.48 -14.21 -2.28
C THR E 11 -26.46 -15.20 -2.91
N TYR E 12 -26.01 -16.41 -3.16
CA TYR E 12 -26.79 -17.45 -3.81
C TYR E 12 -27.73 -18.12 -2.80
N THR E 13 -28.93 -18.56 -3.25
CA THR E 13 -29.91 -19.27 -2.38
C THR E 13 -29.27 -20.62 -2.00
N ARG E 14 -29.85 -21.30 -1.00
CA ARG E 14 -29.42 -22.60 -0.50
C ARG E 14 -29.61 -23.63 -1.56
N TYR E 15 -30.73 -23.53 -2.32
CA TYR E 15 -31.06 -24.41 -3.43
C TYR E 15 -30.01 -24.28 -4.56
N GLN E 16 -29.63 -23.02 -4.94
CA GLN E 16 -28.59 -22.74 -5.96
C GLN E 16 -27.25 -23.37 -5.56
N THR E 17 -26.78 -23.11 -4.33
CA THR E 17 -25.50 -23.61 -3.80
C THR E 17 -25.44 -25.15 -3.78
N LEU E 18 -26.49 -25.78 -3.27
CA LEU E 18 -26.69 -27.22 -3.16
C LEU E 18 -26.59 -27.86 -4.54
N GLU E 19 -27.36 -27.32 -5.53
CA GLU E 19 -27.36 -27.77 -6.91
C GLU E 19 -26.00 -27.64 -7.63
N LEU E 20 -25.24 -26.55 -7.33
CA LEU E 20 -23.88 -26.29 -7.86
C LEU E 20 -22.85 -27.25 -7.22
N GLU E 21 -22.99 -27.51 -5.94
CA GLU E 21 -22.16 -28.42 -5.14
C GLU E 21 -22.33 -29.90 -5.60
N LYS E 22 -23.57 -30.29 -5.96
CA LYS E 22 -23.99 -31.61 -6.44
C LYS E 22 -23.34 -31.91 -7.81
N GLU E 23 -23.29 -30.89 -8.70
CA GLU E 23 -22.68 -31.00 -10.03
C GLU E 23 -21.15 -31.00 -9.91
N PHE E 24 -20.58 -30.26 -8.96
CA PHE E 24 -19.14 -30.23 -8.73
C PHE E 24 -18.60 -31.60 -8.32
N HIS E 25 -19.35 -32.34 -7.48
CA HIS E 25 -18.96 -33.67 -7.01
C HIS E 25 -18.88 -34.64 -8.17
N THR E 26 -19.89 -34.59 -9.07
CA THR E 26 -19.98 -35.38 -10.31
C THR E 26 -18.77 -35.11 -11.21
N ASN E 27 -18.42 -33.82 -11.47
CA ASN E 27 -17.29 -33.42 -12.33
C ASN E 27 -16.87 -31.98 -11.96
N HIS E 28 -15.60 -31.79 -11.64
CA HIS E 28 -15.01 -30.51 -11.18
C HIS E 28 -14.91 -29.52 -12.30
N TYR E 29 -14.93 -30.01 -13.54
CA TYR E 29 -14.88 -29.20 -14.76
C TYR E 29 -16.20 -29.40 -15.50
N LEU E 30 -16.90 -28.32 -15.77
CA LEU E 30 -18.24 -28.34 -16.35
C LEU E 30 -18.25 -28.24 -17.87
N THR E 31 -19.03 -29.10 -18.52
CA THR E 31 -19.20 -29.13 -19.97
C THR E 31 -20.16 -27.99 -20.40
N ARG E 32 -20.07 -27.53 -21.64
CA ARG E 32 -20.93 -26.49 -22.21
C ARG E 32 -22.43 -26.86 -22.11
N ARG E 33 -22.81 -28.12 -22.37
CA ARG E 33 -24.21 -28.57 -22.24
C ARG E 33 -24.74 -28.49 -20.81
N ARG E 34 -23.90 -28.84 -19.81
CA ARG E 34 -24.37 -28.77 -18.45
C ARG E 34 -24.49 -27.32 -17.92
N ARG E 35 -23.61 -26.43 -18.36
CA ARG E 35 -23.58 -25.00 -17.99
C ARG E 35 -24.83 -24.30 -18.54
N ILE E 36 -25.25 -24.69 -19.79
CA ILE E 36 -26.44 -24.11 -20.39
C ILE E 36 -27.68 -24.53 -19.60
N GLU E 37 -27.84 -25.84 -19.29
CA GLU E 37 -28.91 -26.47 -18.46
C GLU E 37 -29.06 -25.78 -17.10
N MET E 38 -27.95 -25.69 -16.35
CA MET E 38 -27.86 -25.06 -15.03
C MET E 38 -28.14 -23.54 -15.04
N ALA E 39 -27.73 -22.79 -16.10
CA ALA E 39 -27.96 -21.35 -16.26
C ALA E 39 -29.48 -21.07 -16.34
N HIS E 40 -30.18 -21.93 -17.08
CA HIS E 40 -31.60 -21.81 -17.28
C HIS E 40 -32.40 -22.24 -16.08
N ALA E 41 -31.96 -23.30 -15.38
CA ALA E 41 -32.65 -23.85 -14.20
C ALA E 41 -32.49 -23.00 -12.94
N LEU E 42 -31.28 -22.48 -12.70
CA LEU E 42 -30.95 -21.71 -11.51
C LEU E 42 -31.10 -20.19 -11.64
N SER E 43 -31.28 -19.69 -12.88
CA SER E 43 -31.36 -18.26 -13.19
C SER E 43 -30.07 -17.53 -12.73
N LEU E 44 -28.94 -18.03 -13.20
CA LEU E 44 -27.61 -17.49 -13.05
C LEU E 44 -27.07 -17.44 -14.47
N THR E 45 -26.29 -16.41 -14.81
CA THR E 45 -25.67 -16.33 -16.15
C THR E 45 -24.61 -17.47 -16.30
N GLU E 46 -24.22 -17.81 -17.56
CA GLU E 46 -23.20 -18.81 -17.83
C GLU E 46 -21.87 -18.33 -17.26
N ARG E 47 -21.68 -17.00 -17.19
CA ARG E 47 -20.51 -16.33 -16.61
C ARG E 47 -20.40 -16.64 -15.09
N GLN E 48 -21.51 -16.48 -14.35
CA GLN E 48 -21.62 -16.73 -12.91
C GLN E 48 -21.36 -18.21 -12.55
N ILE E 49 -21.95 -19.16 -13.35
CA ILE E 49 -21.73 -20.62 -13.23
C ILE E 49 -20.22 -20.91 -13.46
N LYS E 50 -19.62 -20.25 -14.45
CA LYS E 50 -18.22 -20.38 -14.83
C LYS E 50 -17.33 -19.95 -13.66
N ILE E 51 -17.61 -18.74 -13.08
CA ILE E 51 -16.91 -18.14 -11.94
C ILE E 51 -17.09 -18.99 -10.69
N TRP E 52 -18.31 -19.49 -10.44
CA TRP E 52 -18.56 -20.39 -9.30
C TRP E 52 -17.67 -21.63 -9.31
N PHE E 53 -17.55 -22.32 -10.48
CA PHE E 53 -16.70 -23.52 -10.61
C PHE E 53 -15.23 -23.25 -10.41
N GLN E 54 -14.79 -22.06 -10.85
CA GLN E 54 -13.42 -21.57 -10.72
C GLN E 54 -13.13 -21.36 -9.25
N ASN E 55 -13.98 -20.59 -8.58
CA ASN E 55 -13.79 -20.34 -7.15
C ASN E 55 -13.80 -21.64 -6.34
N ARG E 56 -14.71 -22.59 -6.67
CA ARG E 56 -14.86 -23.91 -6.05
C ARG E 56 -13.61 -24.76 -6.23
N ARG E 57 -12.96 -24.72 -7.41
CA ARG E 57 -11.71 -25.45 -7.63
C ARG E 57 -10.57 -24.85 -6.78
N MET E 58 -10.63 -23.52 -6.50
CA MET E 58 -9.65 -22.81 -5.70
C MET E 58 -9.80 -23.11 -4.21
N LYS E 59 -11.02 -23.47 -3.77
CA LYS E 59 -11.36 -23.86 -2.40
C LYS E 59 -10.81 -25.27 -2.16
N LEU E 60 -10.97 -26.17 -3.17
CA LEU E 60 -10.46 -27.54 -3.15
C LEU E 60 -8.94 -27.51 -2.98
N LYS E 61 -8.22 -26.70 -3.79
CA LYS E 61 -6.78 -26.46 -3.76
C LYS E 61 -6.31 -26.01 -2.36
N LYS E 62 -7.04 -25.06 -1.76
CA LYS E 62 -6.79 -24.58 -0.41
C LYS E 62 -6.89 -25.74 0.57
N GLU E 63 -7.96 -26.57 0.49
CA GLU E 63 -8.13 -27.74 1.38
C GLU E 63 -7.01 -28.81 1.25
N ILE E 64 -6.54 -29.09 0.00
CA ILE E 64 -5.44 -30.00 -0.35
C ILE E 64 -4.13 -29.47 0.29
N GLN E 65 -3.91 -28.15 0.28
CA GLN E 65 -2.78 -27.45 0.89
C GLN E 65 -2.84 -27.55 2.43
N ALA E 66 -4.07 -27.50 2.99
CA ALA E 66 -4.32 -27.62 4.43
C ALA E 66 -3.98 -29.02 4.94
N ILE E 67 -4.16 -30.07 4.09
CA ILE E 67 -3.79 -31.45 4.41
C ILE E 67 -2.24 -31.54 4.31
N LYS E 68 -1.64 -30.82 3.33
CA LYS E 68 -0.19 -30.75 3.12
C LYS E 68 0.52 -30.14 4.33
N GLU E 69 -0.11 -29.12 4.99
CA GLU E 69 0.40 -28.39 6.18
C GLU E 69 0.02 -29.06 7.53
N LEU E 70 -0.63 -30.24 7.47
CA LEU E 70 -1.14 -30.99 8.63
C LEU E 70 -0.16 -31.16 9.78
N ASN E 71 0.98 -31.81 9.50
CA ASN E 71 2.07 -32.16 10.40
C ASN E 71 2.85 -30.95 10.97
N GLU E 72 2.76 -29.78 10.29
CA GLU E 72 3.45 -28.55 10.69
C GLU E 72 2.60 -27.75 11.69
N PHE F 9 -6.25 -15.09 17.18
CA PHE F 9 -4.80 -15.27 17.26
C PHE F 9 -4.23 -14.68 18.57
N SER F 10 -3.00 -15.13 18.95
CA SER F 10 -2.30 -14.66 20.15
C SER F 10 -1.93 -13.18 20.02
N LYS F 11 -1.79 -12.49 21.16
CA LYS F 11 -1.45 -11.07 21.26
C LYS F 11 -0.10 -10.78 20.57
N GLN F 12 0.80 -11.78 20.52
CA GLN F 12 2.12 -11.71 19.90
C GLN F 12 2.03 -11.88 18.38
N ALA F 13 1.06 -12.71 17.92
CA ALA F 13 0.81 -12.95 16.50
C ALA F 13 0.25 -11.67 15.87
N SER F 14 -0.72 -11.04 16.54
CA SER F 14 -1.36 -9.80 16.10
C SER F 14 -0.32 -8.67 16.00
N GLU F 15 0.55 -8.53 17.04
CA GLU F 15 1.67 -7.57 17.15
C GLU F 15 2.66 -7.66 15.98
N ILE F 16 3.15 -8.89 15.65
CA ILE F 16 4.07 -9.15 14.56
C ILE F 16 3.43 -8.66 13.24
N LEU F 17 2.19 -9.09 12.96
CA LEU F 17 1.41 -8.77 11.75
C LEU F 17 1.17 -7.26 11.59
N ASN F 18 0.84 -6.56 12.69
CA ASN F 18 0.57 -5.12 12.70
C ASN F 18 1.84 -4.30 12.53
N GLU F 19 2.94 -4.77 13.13
CA GLU F 19 4.26 -4.11 13.01
C GLU F 19 4.71 -4.18 11.55
N TYR F 20 4.46 -5.32 10.86
CA TYR F 20 4.79 -5.50 9.45
C TYR F 20 3.87 -4.59 8.56
N PHE F 21 2.54 -4.66 8.78
CA PHE F 21 1.56 -3.85 8.04
C PHE F 21 1.87 -2.32 8.12
N TYR F 22 1.99 -1.75 9.34
CA TYR F 22 2.24 -0.32 9.55
C TYR F 22 3.58 0.21 9.08
N SER F 23 4.56 -0.67 8.84
CA SER F 23 5.88 -0.28 8.36
C SER F 23 5.99 -0.52 6.83
N HIS F 24 4.93 -1.06 6.20
CA HIS F 24 4.86 -1.34 4.76
C HIS F 24 3.59 -0.75 4.16
N LEU F 25 3.08 0.35 4.71
CA LEU F 25 1.83 1.02 4.34
C LEU F 25 1.72 1.51 2.89
N SER F 26 2.85 1.81 2.27
CA SER F 26 2.92 2.26 0.89
C SER F 26 2.73 1.09 -0.09
N ASN F 27 3.08 -0.15 0.34
CA ASN F 27 2.93 -1.37 -0.44
C ASN F 27 2.60 -2.53 0.53
N PRO F 28 1.34 -2.59 1.05
CA PRO F 28 1.01 -3.64 2.03
C PRO F 28 0.65 -4.97 1.37
N TYR F 29 1.52 -5.43 0.46
CA TYR F 29 1.39 -6.68 -0.30
C TYR F 29 2.64 -7.56 -0.08
N PRO F 30 2.75 -8.28 1.06
CA PRO F 30 3.92 -9.16 1.23
C PRO F 30 3.99 -10.27 0.19
N SER F 31 5.21 -10.60 -0.24
CA SER F 31 5.47 -11.68 -1.20
C SER F 31 5.22 -13.05 -0.55
N GLU F 32 5.06 -14.12 -1.35
CA GLU F 32 4.88 -15.48 -0.83
C GLU F 32 5.95 -15.77 0.24
N GLU F 33 7.23 -15.51 -0.09
CA GLU F 33 8.39 -15.63 0.80
C GLU F 33 8.14 -14.84 2.12
N ALA F 34 7.56 -13.61 2.01
CA ALA F 34 7.23 -12.76 3.16
C ALA F 34 6.08 -13.29 4.01
N LYS F 35 5.07 -13.95 3.39
CA LYS F 35 3.92 -14.55 4.10
C LYS F 35 4.32 -15.82 4.84
N GLU F 36 5.29 -16.58 4.30
CA GLU F 36 5.80 -17.81 4.92
C GLU F 36 6.58 -17.47 6.19
N GLU F 37 7.57 -16.55 6.10
CA GLU F 37 8.35 -16.10 7.26
C GLU F 37 7.47 -15.45 8.35
N LEU F 38 6.36 -14.82 7.93
CA LEU F 38 5.37 -14.23 8.83
C LEU F 38 4.61 -15.37 9.54
N ALA F 39 4.17 -16.41 8.78
CA ALA F 39 3.45 -17.59 9.26
C ALA F 39 4.30 -18.40 10.28
N ARG F 40 5.60 -18.53 10.00
CA ARG F 40 6.58 -19.22 10.83
C ARG F 40 6.77 -18.47 12.14
N LYS F 41 6.88 -17.12 12.05
CA LYS F 41 7.06 -16.21 13.18
C LYS F 41 5.86 -16.16 14.11
N CYS F 42 4.63 -16.15 13.53
CA CYS F 42 3.33 -16.10 14.23
C CYS F 42 2.83 -17.47 14.69
N GLY F 43 3.36 -18.53 14.09
CA GLY F 43 2.92 -19.89 14.36
C GLY F 43 1.56 -20.17 13.75
N ILE F 44 1.26 -19.53 12.60
CA ILE F 44 0.00 -19.66 11.84
C ILE F 44 0.29 -20.09 10.38
N THR F 45 -0.75 -20.30 9.56
CA THR F 45 -0.58 -20.72 8.16
C THR F 45 -0.45 -19.52 7.20
N VAL F 46 0.07 -19.77 5.97
CA VAL F 46 0.20 -18.75 4.91
C VAL F 46 -1.22 -18.28 4.54
N SER F 47 -2.17 -19.23 4.50
CA SER F 47 -3.59 -19.01 4.24
C SER F 47 -4.17 -17.99 5.23
N GLN F 48 -3.79 -18.14 6.52
CA GLN F 48 -4.19 -17.29 7.62
C GLN F 48 -3.55 -15.90 7.52
N VAL F 49 -2.30 -15.83 7.00
CA VAL F 49 -1.59 -14.55 6.78
C VAL F 49 -2.30 -13.73 5.66
N SER F 50 -2.56 -14.38 4.51
CA SER F 50 -3.25 -13.83 3.32
C SER F 50 -4.64 -13.27 3.67
N ASN F 51 -5.40 -13.96 4.57
CA ASN F 51 -6.71 -13.54 5.04
C ASN F 51 -6.56 -12.30 5.89
N TRP F 52 -5.51 -12.27 6.73
CA TRP F 52 -5.23 -11.18 7.64
C TRP F 52 -4.91 -9.90 6.90
N PHE F 53 -4.02 -10.00 5.88
CA PHE F 53 -3.63 -8.86 5.04
C PHE F 53 -4.80 -8.35 4.23
N GLY F 54 -5.56 -9.28 3.66
CA GLY F 54 -6.76 -8.97 2.89
C GLY F 54 -7.77 -8.21 3.71
N ASN F 55 -8.07 -8.70 4.91
CA ASN F 55 -9.03 -8.08 5.83
C ASN F 55 -8.50 -6.72 6.29
N LYS F 56 -7.20 -6.66 6.62
CA LYS F 56 -6.49 -5.47 7.10
C LYS F 56 -6.43 -4.36 6.08
N ARG F 57 -6.12 -4.65 4.84
CA ARG F 57 -6.07 -3.64 3.79
C ARG F 57 -7.34 -2.86 3.58
N ILE F 58 -8.47 -3.57 3.49
CA ILE F 58 -9.79 -3.01 3.23
C ILE F 58 -10.41 -2.36 4.48
N ARG F 59 -10.22 -2.97 5.68
CA ARG F 59 -10.76 -2.42 6.92
C ARG F 59 -10.03 -1.17 7.37
N TYR F 60 -8.70 -1.07 7.06
CA TYR F 60 -7.85 0.09 7.36
C TYR F 60 -8.23 1.29 6.49
N LYS F 61 -8.42 1.08 5.19
CA LYS F 61 -8.78 2.14 4.26
C LYS F 61 -10.23 2.66 4.37
N LYS F 62 -11.16 1.81 4.91
CA LYS F 62 -12.56 2.18 5.13
C LYS F 62 -12.64 3.12 6.36
N ASN F 63 -11.75 2.88 7.33
CA ASN F 63 -11.66 3.61 8.59
C ASN F 63 -10.58 4.71 8.59
N ILE F 64 -10.15 5.17 7.38
CA ILE F 64 -9.08 6.16 7.16
C ILE F 64 -9.35 7.56 7.71
N GLY F 65 -10.61 8.02 7.64
CA GLY F 65 -11.02 9.33 8.12
C GLY F 65 -10.83 9.49 9.63
N LYS F 66 -10.53 8.35 10.28
CA LYS F 66 -10.29 8.23 11.71
C LYS F 66 -8.81 7.93 11.99
N ALA F 67 -8.07 7.42 10.99
CA ALA F 67 -6.65 7.03 11.09
C ALA F 67 -5.69 8.13 11.57
N GLN F 68 -5.91 9.38 11.14
CA GLN F 68 -5.11 10.54 11.53
C GLN F 68 -5.23 10.73 13.05
N GLU F 69 -6.48 10.64 13.55
CA GLU F 69 -6.87 10.81 14.96
C GLU F 69 -6.29 9.73 15.86
N GLU F 70 -6.40 8.46 15.44
CA GLU F 70 -5.92 7.28 16.17
C GLU F 70 -4.42 7.34 16.47
N ALA F 71 -3.63 7.82 15.49
CA ALA F 71 -2.16 8.05 15.50
C ALA F 71 -1.73 9.03 16.63
N ASN F 72 -2.72 9.73 17.25
CA ASN F 72 -2.55 10.65 18.37
C ASN F 72 -1.43 11.73 18.18
N LEU F 73 -1.35 12.33 16.97
CA LEU F 73 -0.35 13.37 16.65
C LEU F 73 -0.82 14.78 17.08
N TYR F 74 0.02 15.83 16.86
CA TYR F 74 -0.26 17.22 17.18
C TYR F 74 -1.23 17.86 16.19
#